data_1WIW
#
_entry.id   1WIW
#
_cell.length_a   51.405
_cell.length_b   92.075
_cell.length_c   116.079
_cell.angle_alpha   90.00
_cell.angle_beta   90.00
_cell.angle_gamma   90.00
#
_symmetry.space_group_name_H-M   'P 21 21 21'
#
loop_
_entity.id
_entity.type
_entity.pdbx_description
1 polymer 'Glucose-6-phosphate isomerase like protein'
2 water water
#
_entity_poly.entity_id   1
_entity_poly.type   'polypeptide(L)'
_entity_poly.pdbx_seq_one_letter_code
;(MSE)RDLDREETYLVDRTGLALELRDLVGTGPVPGEAYPGPHAALGYGEGQFAALLSGLPDWGEEGTLFLLEGGYDLGE
AAG(MSE)ALLAETGRARVVRVGFRPGVEVHIPPSPLAPYRYLRFLLLATGREEVLRSVDEALLEERRRLGPEVPVEENP
AKFLAYTLLERLPLFYSPLFRPLEGAVQTLFARVAKSLSLTPPPSALEFFLVGLEARHEQGDPLAAVLLGPGEEAALAKE
ILESRVDALAEVPATGANRLAQV(MSE)ALWYR(MSE)AWTAYYLALLYGVDPGDHGLLERLREVT
;
_entity_poly.pdbx_strand_id   A,B
#
# COMPACT_ATOMS: atom_id res chain seq x y z
N MSE A 1 -24.30 11.20 -20.11
CA MSE A 1 -23.04 10.42 -20.24
C MSE A 1 -22.30 10.85 -21.50
O MSE A 1 -22.89 10.89 -22.58
CB MSE A 1 -23.36 8.93 -20.30
CG MSE A 1 -22.13 8.03 -20.41
SE MSE A 1 -22.63 6.17 -20.53
CE MSE A 1 -23.35 6.16 -22.31
N ARG A 2 -21.01 11.15 -21.35
CA ARG A 2 -20.20 11.58 -22.48
C ARG A 2 -19.82 10.41 -23.38
N ASP A 3 -19.62 10.70 -24.66
CA ASP A 3 -19.28 9.68 -25.64
C ASP A 3 -17.81 9.75 -26.08
N LEU A 4 -17.02 8.76 -25.67
CA LEU A 4 -15.60 8.73 -26.01
C LEU A 4 -15.32 8.55 -27.49
N ASP A 5 -16.35 8.36 -28.30
CA ASP A 5 -16.14 8.22 -29.74
C ASP A 5 -16.59 9.47 -30.51
N ARG A 6 -16.82 10.55 -29.76
CA ARG A 6 -17.20 11.83 -30.36
C ARG A 6 -16.10 12.85 -30.06
N GLU A 7 -15.65 13.52 -31.11
CA GLU A 7 -14.59 14.52 -31.03
C GLU A 7 -14.76 15.57 -29.94
N GLU A 8 -16.00 16.02 -29.72
CA GLU A 8 -16.29 17.05 -28.73
C GLU A 8 -15.78 16.70 -27.34
N THR A 9 -15.85 15.42 -26.99
CA THR A 9 -15.43 14.97 -25.67
C THR A 9 -13.96 15.23 -25.36
N TYR A 10 -13.14 15.38 -26.40
CA TYR A 10 -11.71 15.61 -26.23
C TYR A 10 -11.24 17.05 -26.06
N LEU A 11 -12.15 18.01 -26.16
CA LEU A 11 -11.79 19.42 -26.01
C LEU A 11 -11.21 19.77 -24.65
N VAL A 12 -11.58 19.03 -23.61
CA VAL A 12 -11.06 19.30 -22.27
C VAL A 12 -9.59 18.93 -22.14
N ASP A 13 -9.07 18.17 -23.09
CA ASP A 13 -7.66 17.77 -23.06
C ASP A 13 -6.83 18.89 -23.68
N ARG A 14 -6.82 20.05 -23.00
CA ARG A 14 -6.10 21.21 -23.50
C ARG A 14 -4.58 21.11 -23.66
N THR A 15 -3.93 20.17 -22.99
CA THR A 15 -2.49 20.03 -23.12
C THR A 15 -2.08 18.86 -23.99
N GLY A 16 -3.07 18.21 -24.60
CA GLY A 16 -2.79 17.08 -25.47
C GLY A 16 -2.11 15.89 -24.82
N LEU A 17 -2.63 15.45 -23.68
CA LEU A 17 -2.05 14.29 -23.00
C LEU A 17 -2.21 13.06 -23.89
N ALA A 18 -3.25 13.06 -24.73
CA ALA A 18 -3.47 11.94 -25.64
C ALA A 18 -2.25 11.74 -26.53
N LEU A 19 -1.65 12.86 -26.96
CA LEU A 19 -0.47 12.80 -27.81
C LEU A 19 0.73 12.24 -27.06
N GLU A 20 0.93 12.72 -25.84
CA GLU A 20 2.05 12.28 -25.03
C GLU A 20 1.95 10.77 -24.77
N LEU A 21 0.74 10.30 -24.47
CA LEU A 21 0.51 8.88 -24.23
C LEU A 21 0.87 8.07 -25.46
N ARG A 22 0.48 8.57 -26.63
CA ARG A 22 0.77 7.86 -27.87
C ARG A 22 2.27 7.76 -28.18
N ASP A 23 2.98 8.85 -28.00
CA ASP A 23 4.42 8.91 -28.29
C ASP A 23 5.36 8.56 -27.13
N LEU A 24 4.82 8.05 -26.03
CA LEU A 24 5.65 7.72 -24.87
C LEU A 24 6.86 6.81 -25.10
N VAL A 25 6.67 5.68 -25.77
CA VAL A 25 7.80 4.77 -25.98
C VAL A 25 8.99 5.46 -26.64
N GLY A 26 10.19 5.21 -26.12
CA GLY A 26 11.39 5.80 -26.67
C GLY A 26 11.68 7.23 -26.26
N THR A 27 10.91 7.76 -25.29
CA THR A 27 11.14 9.12 -24.83
C THR A 27 11.83 9.13 -23.47
N GLY A 28 12.48 10.23 -23.14
CA GLY A 28 13.18 10.32 -21.87
C GLY A 28 14.69 10.26 -22.10
N PRO A 29 15.50 10.72 -21.14
CA PRO A 29 16.96 10.71 -21.28
C PRO A 29 17.56 9.30 -21.34
N VAL A 30 18.73 9.22 -21.97
CA VAL A 30 19.44 7.96 -22.12
C VAL A 30 20.84 8.14 -21.53
N PRO A 31 21.38 7.10 -20.88
CA PRO A 31 22.72 7.18 -20.27
C PRO A 31 23.76 7.53 -21.34
N GLY A 32 24.64 8.49 -21.02
CA GLY A 32 25.67 8.88 -21.96
C GLY A 32 27.03 8.33 -21.59
N GLU A 33 27.06 7.45 -20.60
CA GLU A 33 28.30 6.83 -20.12
C GLU A 33 27.98 5.51 -19.43
N ALA A 34 29.02 4.77 -19.07
CA ALA A 34 28.86 3.51 -18.36
C ALA A 34 29.13 3.79 -16.89
N TYR A 35 28.06 3.85 -16.09
CA TYR A 35 28.20 4.12 -14.68
C TYR A 35 28.83 2.95 -13.94
N PRO A 36 29.83 3.24 -13.08
CA PRO A 36 30.51 2.18 -12.33
C PRO A 36 29.60 1.46 -11.34
N GLY A 37 29.73 0.14 -11.30
CA GLY A 37 28.92 -0.67 -10.40
C GLY A 37 29.62 -0.83 -9.06
N PRO A 38 28.93 -1.34 -8.02
CA PRO A 38 27.53 -1.76 -8.06
C PRO A 38 26.57 -0.58 -8.25
N HIS A 39 25.34 -0.89 -8.63
CA HIS A 39 24.32 0.13 -8.86
C HIS A 39 23.24 0.09 -7.79
N ALA A 40 22.77 1.25 -7.38
CA ALA A 40 21.73 1.37 -6.38
C ALA A 40 20.79 2.47 -6.83
N ALA A 41 19.56 2.47 -6.31
CA ALA A 41 18.59 3.48 -6.70
C ALA A 41 17.53 3.78 -5.63
N LEU A 42 17.28 5.06 -5.41
CA LEU A 42 16.28 5.51 -4.44
C LEU A 42 15.44 6.54 -5.17
N GLY A 43 14.13 6.33 -5.22
CA GLY A 43 13.27 7.26 -5.93
C GLY A 43 12.22 7.96 -5.11
N TYR A 44 11.83 9.15 -5.56
CA TYR A 44 10.83 9.98 -4.91
C TYR A 44 9.89 10.47 -6.01
N GLY A 45 8.62 10.66 -5.66
CA GLY A 45 7.65 11.12 -6.64
C GLY A 45 7.61 10.24 -7.87
N GLU A 46 7.76 10.87 -9.04
CA GLU A 46 7.71 10.18 -10.33
C GLU A 46 8.83 9.16 -10.54
N GLY A 47 9.76 9.09 -9.60
CA GLY A 47 10.86 8.14 -9.73
C GLY A 47 10.80 6.97 -8.77
N GLN A 48 9.87 6.98 -7.82
CA GLN A 48 9.81 5.89 -6.86
C GLN A 48 9.43 4.54 -7.45
N PHE A 49 8.32 4.50 -8.19
CA PHE A 49 7.87 3.25 -8.79
C PHE A 49 8.96 2.60 -9.64
N ALA A 50 9.63 3.40 -10.45
CA ALA A 50 10.70 2.91 -11.32
C ALA A 50 11.84 2.30 -10.51
N ALA A 51 12.22 2.98 -9.43
CA ALA A 51 13.30 2.50 -8.58
C ALA A 51 12.94 1.14 -7.99
N LEU A 52 11.70 1.01 -7.52
CA LEU A 52 11.24 -0.25 -6.93
C LEU A 52 11.22 -1.37 -7.97
N LEU A 53 10.58 -1.10 -9.11
CA LEU A 53 10.48 -2.10 -10.17
C LEU A 53 11.84 -2.59 -10.65
N SER A 54 12.85 -1.72 -10.62
CA SER A 54 14.19 -2.09 -11.05
C SER A 54 14.75 -3.20 -10.17
N GLY A 55 14.35 -3.22 -8.90
CA GLY A 55 14.82 -4.25 -7.99
C GLY A 55 16.20 -3.99 -7.42
N LEU A 56 16.77 -2.83 -7.72
CA LEU A 56 18.09 -2.45 -7.24
C LEU A 56 18.06 -2.13 -5.75
N PRO A 57 19.21 -2.26 -5.06
CA PRO A 57 19.22 -1.94 -3.64
C PRO A 57 18.90 -0.45 -3.52
N ASP A 58 18.28 -0.06 -2.42
CA ASP A 58 17.90 1.33 -2.24
C ASP A 58 19.00 2.24 -1.68
N TRP A 59 20.24 1.74 -1.67
CA TRP A 59 21.35 2.54 -1.18
C TRP A 59 22.70 1.88 -1.45
N GLY A 60 23.77 2.64 -1.27
CA GLY A 60 25.10 2.10 -1.49
C GLY A 60 26.21 3.02 -1.01
N GLU A 61 27.37 2.44 -0.73
CA GLU A 61 28.51 3.21 -0.27
C GLU A 61 29.68 3.05 -1.23
N GLU A 62 29.38 2.54 -2.41
CA GLU A 62 30.37 2.35 -3.45
C GLU A 62 29.65 2.26 -4.78
N GLY A 63 30.38 2.39 -5.88
CA GLY A 63 29.77 2.31 -7.19
C GLY A 63 28.91 3.53 -7.50
N THR A 64 27.69 3.28 -7.98
CA THR A 64 26.80 4.39 -8.34
C THR A 64 25.44 4.31 -7.63
N LEU A 65 24.98 5.46 -7.16
CA LEU A 65 23.67 5.55 -6.49
C LEU A 65 22.81 6.53 -7.28
N PHE A 66 21.75 6.03 -7.88
CA PHE A 66 20.88 6.91 -8.64
C PHE A 66 19.79 7.48 -7.76
N LEU A 67 19.82 8.79 -7.56
CA LEU A 67 18.81 9.46 -6.76
C LEU A 67 17.76 10.02 -7.71
N LEU A 68 16.66 9.30 -7.83
CA LEU A 68 15.58 9.68 -8.72
C LEU A 68 14.61 10.61 -8.00
N GLU A 69 14.95 11.89 -7.98
CA GLU A 69 14.12 12.91 -7.33
C GLU A 69 13.11 13.42 -8.35
N GLY A 70 12.04 12.64 -8.53
CA GLY A 70 11.02 12.98 -9.50
C GLY A 70 9.98 14.00 -9.05
N GLY A 71 9.25 14.53 -10.05
CA GLY A 71 8.21 15.51 -9.76
C GLY A 71 7.06 14.90 -8.99
N TYR A 72 6.13 15.76 -8.58
CA TYR A 72 4.97 15.33 -7.82
C TYR A 72 5.42 14.55 -6.58
N ASP A 73 6.32 15.15 -5.83
CA ASP A 73 6.88 14.53 -4.63
C ASP A 73 6.57 15.42 -3.42
N LEU A 74 5.48 16.17 -3.51
CA LEU A 74 5.08 17.08 -2.44
C LEU A 74 5.31 16.51 -1.04
N GLY A 75 6.17 17.19 -0.29
CA GLY A 75 6.48 16.81 1.08
C GLY A 75 7.20 15.48 1.31
N GLU A 76 7.85 14.92 0.30
CA GLU A 76 8.53 13.64 0.47
C GLU A 76 10.00 13.78 0.88
N ALA A 77 10.44 15.02 1.08
CA ALA A 77 11.82 15.29 1.50
C ALA A 77 12.87 14.53 0.68
N ALA A 78 12.85 14.74 -0.63
CA ALA A 78 13.80 14.09 -1.52
C ALA A 78 15.17 14.74 -1.36
N GLY A 79 15.18 16.04 -1.12
CA GLY A 79 16.43 16.75 -0.94
C GLY A 79 17.13 16.30 0.32
N MSE A 80 16.36 15.76 1.25
CA MSE A 80 16.89 15.28 2.52
C MSE A 80 17.82 14.09 2.30
O MSE A 80 18.76 13.89 3.06
CB MSE A 80 15.74 14.87 3.44
CG MSE A 80 15.98 15.18 4.91
SE MSE A 80 16.19 17.07 5.26
CE MSE A 80 18.11 17.14 5.46
N ALA A 81 17.55 13.32 1.25
CA ALA A 81 18.38 12.16 0.95
C ALA A 81 19.85 12.53 0.89
N ALA A 84 22.37 10.67 4.68
CA ALA A 84 23.32 11.56 3.95
C ALA A 84 24.67 10.88 3.79
N GLU A 85 24.81 9.70 4.39
CA GLU A 85 26.04 8.92 4.33
C GLU A 85 26.05 8.09 3.04
N THR A 86 27.02 8.34 2.16
CA THR A 86 27.10 7.60 0.90
C THR A 86 28.47 6.99 0.63
N GLY A 87 29.37 7.12 1.60
CA GLY A 87 30.71 6.56 1.45
C GLY A 87 31.42 7.03 0.18
N ARG A 88 31.87 6.07 -0.64
CA ARG A 88 32.57 6.39 -1.87
C ARG A 88 31.71 6.17 -3.10
N ALA A 89 30.39 6.15 -2.91
CA ALA A 89 29.48 5.96 -4.03
C ALA A 89 29.30 7.26 -4.79
N ARG A 90 29.18 7.15 -6.10
CA ARG A 90 28.97 8.33 -6.94
C ARG A 90 27.46 8.58 -6.97
N VAL A 91 27.05 9.79 -6.60
CA VAL A 91 25.64 10.12 -6.60
C VAL A 91 25.20 10.79 -7.89
N VAL A 92 24.26 10.17 -8.59
CA VAL A 92 23.74 10.73 -9.83
C VAL A 92 22.29 11.15 -9.63
N ARG A 93 22.05 12.46 -9.64
CA ARG A 93 20.70 12.98 -9.45
C ARG A 93 19.94 13.07 -10.77
N VAL A 94 18.77 12.42 -10.81
CA VAL A 94 17.90 12.40 -11.97
C VAL A 94 16.57 12.96 -11.50
N GLY A 95 16.17 14.11 -12.04
CA GLY A 95 14.90 14.69 -11.61
C GLY A 95 14.47 15.94 -12.34
N PHE A 96 13.51 16.64 -11.76
CA PHE A 96 12.97 17.86 -12.36
C PHE A 96 13.65 19.15 -11.89
N ARG A 97 14.27 19.13 -10.71
CA ARG A 97 14.92 20.31 -10.18
C ARG A 97 16.13 20.76 -11.00
N PRO A 98 16.37 22.08 -11.06
CA PRO A 98 17.49 22.67 -11.80
C PRO A 98 18.87 22.12 -11.45
N GLY A 99 19.05 21.67 -10.22
CA GLY A 99 20.34 21.16 -9.81
C GLY A 99 20.72 19.74 -10.22
N VAL A 100 19.79 19.00 -10.79
CA VAL A 100 20.06 17.62 -11.18
C VAL A 100 21.07 17.47 -12.31
N GLU A 101 21.63 16.27 -12.41
CA GLU A 101 22.63 15.93 -13.42
C GLU A 101 21.95 15.42 -14.69
N VAL A 102 20.79 14.80 -14.53
CA VAL A 102 20.01 14.27 -15.65
C VAL A 102 18.60 14.82 -15.46
N HIS A 103 18.15 15.64 -16.40
CA HIS A 103 16.84 16.25 -16.29
C HIS A 103 15.66 15.49 -16.91
N ILE A 104 14.57 15.42 -16.15
CA ILE A 104 13.33 14.78 -16.59
C ILE A 104 12.21 15.67 -16.06
N PRO A 105 11.52 16.38 -16.96
CA PRO A 105 10.42 17.27 -16.56
C PRO A 105 9.29 16.46 -15.92
N PRO A 106 8.50 17.09 -15.05
CA PRO A 106 7.40 16.36 -14.41
C PRO A 106 6.32 15.95 -15.41
N SER A 107 5.80 14.73 -15.25
CA SER A 107 4.76 14.19 -16.12
C SER A 107 4.16 12.94 -15.50
N PRO A 108 2.85 12.72 -15.69
CA PRO A 108 2.25 11.52 -15.11
C PRO A 108 2.85 10.26 -15.74
N LEU A 109 3.45 10.44 -16.91
CA LEU A 109 4.08 9.34 -17.64
C LEU A 109 5.57 9.20 -17.35
N ALA A 110 6.12 10.12 -16.56
CA ALA A 110 7.55 10.11 -16.23
C ALA A 110 8.11 8.80 -15.68
N PRO A 111 7.29 8.03 -14.94
CA PRO A 111 7.77 6.76 -14.39
C PRO A 111 8.40 5.88 -15.47
N TYR A 112 7.80 5.88 -16.65
CA TYR A 112 8.35 5.10 -17.76
C TYR A 112 9.76 5.58 -18.09
N ARG A 113 9.92 6.89 -18.19
CA ARG A 113 11.22 7.47 -18.53
C ARG A 113 12.30 7.19 -17.49
N TYR A 114 11.94 7.26 -16.20
CA TYR A 114 12.90 6.96 -15.14
C TYR A 114 13.32 5.50 -15.24
N LEU A 115 12.35 4.61 -15.41
CA LEU A 115 12.65 3.18 -15.53
C LEU A 115 13.55 2.93 -16.74
N ARG A 116 13.21 3.57 -17.86
CA ARG A 116 13.99 3.41 -19.10
C ARG A 116 15.45 3.80 -18.87
N PHE A 117 15.66 4.96 -18.27
CA PHE A 117 17.01 5.44 -17.99
C PHE A 117 17.75 4.44 -17.10
N LEU A 118 17.05 3.95 -16.09
CA LEU A 118 17.63 3.00 -15.13
C LEU A 118 18.02 1.67 -15.75
N LEU A 119 17.12 1.10 -16.56
CA LEU A 119 17.40 -0.18 -17.20
C LEU A 119 18.61 -0.04 -18.12
N LEU A 120 18.68 1.10 -18.81
CA LEU A 120 19.80 1.33 -19.73
C LEU A 120 21.11 1.51 -18.96
N ALA A 121 21.04 2.14 -17.79
CA ALA A 121 22.24 2.37 -16.99
C ALA A 121 22.71 1.13 -16.24
N THR A 122 21.86 0.10 -16.15
CA THR A 122 22.24 -1.11 -15.45
C THR A 122 22.37 -2.30 -16.37
N GLY A 123 22.65 -2.02 -17.65
CA GLY A 123 22.83 -3.07 -18.63
C GLY A 123 21.64 -3.99 -18.84
N ARG A 124 20.44 -3.42 -18.88
CA ARG A 124 19.25 -4.21 -19.09
C ARG A 124 18.46 -3.71 -20.31
N GLU A 125 19.20 -3.36 -21.35
CA GLU A 125 18.60 -2.89 -22.60
C GLU A 125 17.66 -3.92 -23.20
N GLU A 126 17.95 -5.20 -22.95
CA GLU A 126 17.11 -6.27 -23.48
C GLU A 126 15.73 -6.22 -22.80
N VAL A 127 15.71 -6.11 -21.47
CA VAL A 127 14.45 -6.02 -20.74
C VAL A 127 13.70 -4.81 -21.28
N LEU A 128 14.42 -3.71 -21.49
CA LEU A 128 13.82 -2.49 -22.01
C LEU A 128 13.15 -2.74 -23.36
N ARG A 129 13.80 -3.52 -24.22
CA ARG A 129 13.22 -3.82 -25.52
C ARG A 129 11.86 -4.52 -25.37
N SER A 130 11.78 -5.47 -24.43
CA SER A 130 10.53 -6.18 -24.22
C SER A 130 9.45 -5.24 -23.69
N VAL A 131 9.87 -4.24 -22.89
CA VAL A 131 8.92 -3.28 -22.35
C VAL A 131 8.36 -2.42 -23.49
N ASP A 132 9.24 -1.82 -24.27
CA ASP A 132 8.82 -0.98 -25.39
C ASP A 132 7.94 -1.76 -26.34
N GLU A 133 8.33 -3.01 -26.60
CA GLU A 133 7.59 -3.89 -27.50
C GLU A 133 6.16 -4.06 -26.97
N ALA A 134 6.04 -4.35 -25.67
CA ALA A 134 4.75 -4.55 -25.04
C ALA A 134 3.86 -3.30 -25.11
N LEU A 135 4.43 -2.12 -24.82
CA LEU A 135 3.64 -0.91 -24.87
C LEU A 135 3.19 -0.58 -26.29
N LEU A 136 4.05 -0.86 -27.26
CA LEU A 136 3.71 -0.59 -28.65
C LEU A 136 2.54 -1.46 -29.09
N GLU A 137 2.56 -2.73 -28.69
CA GLU A 137 1.48 -3.63 -29.05
C GLU A 137 0.20 -3.16 -28.37
N GLU A 138 0.33 -2.59 -27.18
CA GLU A 138 -0.83 -2.08 -26.44
C GLU A 138 -1.44 -0.85 -27.09
N ARG A 139 -0.61 0.13 -27.44
CA ARG A 139 -1.13 1.37 -28.01
C ARG A 139 -1.97 1.18 -29.26
N ARG A 140 -1.78 0.06 -29.96
CA ARG A 140 -2.56 -0.21 -31.16
C ARG A 140 -4.06 -0.10 -30.90
N ARG A 141 -4.48 -0.55 -29.72
CA ARG A 141 -5.90 -0.55 -29.35
C ARG A 141 -6.33 0.58 -28.41
N LEU A 142 -5.44 1.48 -28.05
CA LEU A 142 -5.79 2.49 -27.07
C LEU A 142 -6.04 3.94 -27.48
N GLY A 143 -5.68 4.29 -28.71
CA GLY A 143 -5.87 5.66 -29.16
C GLY A 143 -7.32 6.08 -29.29
N PRO A 144 -7.58 7.40 -29.24
CA PRO A 144 -8.95 7.90 -29.37
C PRO A 144 -9.66 7.52 -30.68
N GLU A 145 -8.88 7.18 -31.69
CA GLU A 145 -9.49 6.81 -32.97
C GLU A 145 -10.00 5.36 -32.95
N VAL A 146 -9.70 4.64 -31.87
CA VAL A 146 -10.17 3.25 -31.74
C VAL A 146 -11.47 3.27 -30.94
N PRO A 147 -12.57 2.78 -31.54
CA PRO A 147 -13.88 2.75 -30.88
C PRO A 147 -13.95 1.97 -29.58
N VAL A 148 -14.85 2.40 -28.71
CA VAL A 148 -15.07 1.79 -27.40
C VAL A 148 -15.05 0.26 -27.46
N GLU A 149 -15.83 -0.31 -28.38
CA GLU A 149 -15.91 -1.75 -28.51
C GLU A 149 -14.58 -2.45 -28.75
N GLU A 150 -13.62 -1.74 -29.35
CA GLU A 150 -12.31 -2.33 -29.63
C GLU A 150 -11.21 -1.74 -28.76
N ASN A 151 -11.56 -0.74 -27.94
CA ASN A 151 -10.59 -0.05 -27.08
C ASN A 151 -10.77 -0.43 -25.60
N PRO A 152 -9.88 -1.27 -25.07
CA PRO A 152 -10.00 -1.70 -23.67
C PRO A 152 -9.92 -0.59 -22.63
N ALA A 153 -9.16 0.46 -22.90
CA ALA A 153 -9.06 1.57 -21.95
C ALA A 153 -10.38 2.34 -21.91
N LYS A 154 -10.96 2.61 -23.06
CA LYS A 154 -12.25 3.31 -23.11
C LYS A 154 -13.31 2.45 -22.44
N PHE A 155 -13.32 1.17 -22.77
CA PHE A 155 -14.29 0.25 -22.21
C PHE A 155 -14.18 0.23 -20.69
N LEU A 156 -12.96 0.05 -20.18
CA LEU A 156 -12.75 0.03 -18.74
C LEU A 156 -13.15 1.35 -18.08
N ALA A 157 -12.92 2.46 -18.78
CA ALA A 157 -13.29 3.77 -18.22
C ALA A 157 -14.80 3.82 -17.99
N TYR A 158 -15.58 3.21 -18.88
CA TYR A 158 -17.03 3.20 -18.70
C TYR A 158 -17.44 2.33 -17.52
N THR A 159 -16.59 1.36 -17.17
CA THR A 159 -16.88 0.48 -16.03
C THR A 159 -16.64 1.25 -14.74
N LEU A 160 -15.56 2.03 -14.71
CA LEU A 160 -15.17 2.80 -13.55
C LEU A 160 -15.97 4.07 -13.35
N LEU A 161 -16.66 4.51 -14.40
CA LEU A 161 -17.47 5.73 -14.32
C LEU A 161 -18.48 5.61 -13.18
N GLU A 162 -18.46 6.57 -12.27
CA GLU A 162 -19.38 6.58 -11.14
C GLU A 162 -19.25 5.39 -10.20
N ARG A 163 -18.09 4.73 -10.25
CA ARG A 163 -17.82 3.60 -9.37
C ARG A 163 -16.52 3.90 -8.64
N LEU A 164 -16.23 3.10 -7.61
CA LEU A 164 -15.01 3.26 -6.83
C LEU A 164 -14.05 2.14 -7.20
N PRO A 165 -13.01 2.46 -7.98
CA PRO A 165 -12.03 1.45 -8.40
C PRO A 165 -11.21 0.86 -7.25
N LEU A 166 -11.04 -0.46 -7.30
CA LEU A 166 -10.24 -1.19 -6.33
C LEU A 166 -9.22 -1.95 -7.18
N PHE A 167 -7.97 -1.49 -7.14
CA PHE A 167 -6.91 -2.09 -7.93
C PHE A 167 -6.09 -3.12 -7.16
N TYR A 168 -5.83 -4.27 -7.79
CA TYR A 168 -5.06 -5.34 -7.20
C TYR A 168 -4.14 -5.94 -8.27
N SER A 169 -2.83 -5.94 -7.99
CA SER A 169 -1.85 -6.46 -8.95
C SER A 169 -0.88 -7.42 -8.25
N PRO A 170 -1.31 -8.67 -8.04
CA PRO A 170 -0.51 -9.71 -7.38
C PRO A 170 0.91 -9.87 -7.92
N LEU A 171 1.09 -9.76 -9.23
CA LEU A 171 2.41 -9.94 -9.82
C LEU A 171 3.47 -8.95 -9.31
N PHE A 172 3.01 -7.82 -8.76
CA PHE A 172 3.91 -6.79 -8.24
C PHE A 172 3.01 -5.77 -7.56
N ARG A 173 2.89 -5.89 -6.23
CA ARG A 173 2.02 -5.04 -5.44
C ARG A 173 2.16 -3.51 -5.60
N PRO A 174 3.39 -2.98 -5.66
CA PRO A 174 3.45 -1.52 -5.82
C PRO A 174 2.84 -0.94 -7.10
N LEU A 175 2.48 -1.79 -8.06
CA LEU A 175 1.85 -1.28 -9.28
C LEU A 175 0.52 -0.65 -8.84
N GLU A 176 -0.10 -1.24 -7.83
CA GLU A 176 -1.36 -0.74 -7.28
C GLU A 176 -1.27 0.74 -6.96
N GLY A 177 -0.27 1.11 -6.17
CA GLY A 177 -0.08 2.49 -5.80
C GLY A 177 0.18 3.38 -7.00
N ALA A 178 0.94 2.86 -7.96
CA ALA A 178 1.25 3.63 -9.16
C ALA A 178 -0.01 3.91 -9.98
N VAL A 179 -0.93 2.94 -10.00
CA VAL A 179 -2.17 3.11 -10.74
C VAL A 179 -3.08 4.07 -9.97
N GLN A 180 -3.15 3.90 -8.65
CA GLN A 180 -3.96 4.77 -7.82
C GLN A 180 -3.50 6.21 -8.04
N THR A 181 -2.19 6.38 -8.20
CA THR A 181 -1.59 7.68 -8.44
C THR A 181 -2.02 8.22 -9.81
N LEU A 182 -2.04 7.34 -10.80
CA LEU A 182 -2.46 7.74 -12.14
C LEU A 182 -3.90 8.22 -12.13
N PHE A 183 -4.77 7.48 -11.46
CA PHE A 183 -6.18 7.88 -11.43
C PHE A 183 -6.43 9.17 -10.66
N ALA A 184 -5.58 9.45 -9.69
CA ALA A 184 -5.73 10.70 -8.93
C ALA A 184 -5.22 11.86 -9.80
N ARG A 185 -3.97 11.74 -10.24
CA ARG A 185 -3.33 12.77 -11.04
C ARG A 185 -3.95 13.05 -12.40
N VAL A 186 -4.35 12.00 -13.10
CA VAL A 186 -4.93 12.18 -14.43
C VAL A 186 -6.46 12.28 -14.40
N ALA A 187 -7.11 11.24 -13.89
CA ALA A 187 -8.58 11.20 -13.83
C ALA A 187 -9.14 12.06 -12.70
N LYS A 188 -8.26 12.60 -11.86
CA LYS A 188 -8.68 13.44 -10.74
C LYS A 188 -9.75 12.70 -9.94
N SER A 189 -9.60 11.38 -9.83
CA SER A 189 -10.60 10.56 -9.13
C SER A 189 -10.04 9.68 -8.02
N LEU A 190 -10.93 9.34 -7.10
CA LEU A 190 -10.60 8.50 -5.96
C LEU A 190 -10.58 7.02 -6.36
N SER A 191 -9.60 6.28 -5.84
CA SER A 191 -9.48 4.86 -6.10
C SER A 191 -8.77 4.23 -4.88
N LEU A 192 -8.96 2.93 -4.70
CA LEU A 192 -8.41 2.21 -3.55
C LEU A 192 -7.53 1.01 -3.92
N THR A 193 -6.65 0.64 -2.99
CA THR A 193 -5.75 -0.50 -3.15
C THR A 193 -5.82 -1.29 -1.84
N PRO A 194 -5.73 -2.61 -1.92
CA PRO A 194 -5.79 -3.41 -0.70
C PRO A 194 -4.47 -3.39 0.07
N PRO A 195 -4.50 -3.79 1.35
CA PRO A 195 -3.27 -3.80 2.16
C PRO A 195 -2.45 -5.03 1.76
N PRO A 196 -1.26 -5.20 2.36
CA PRO A 196 -0.41 -6.35 2.03
C PRO A 196 -1.16 -7.68 2.08
N SER A 197 -1.97 -7.88 3.12
CA SER A 197 -2.77 -9.10 3.22
C SER A 197 -4.05 -8.86 2.45
N ALA A 198 -3.91 -8.75 1.12
CA ALA A 198 -5.03 -8.45 0.23
C ALA A 198 -6.22 -9.42 0.20
N LEU A 199 -5.96 -10.71 0.03
CA LEU A 199 -7.04 -11.68 -0.04
C LEU A 199 -7.86 -11.65 1.26
N GLU A 200 -7.17 -11.52 2.39
CA GLU A 200 -7.84 -11.46 3.69
C GLU A 200 -8.80 -10.27 3.70
N PHE A 201 -8.29 -9.13 3.22
CA PHE A 201 -9.02 -7.85 3.12
C PHE A 201 -10.30 -8.01 2.30
N PHE A 202 -10.18 -8.69 1.17
CA PHE A 202 -11.32 -8.94 0.26
C PHE A 202 -12.39 -9.83 0.89
N LEU A 203 -11.95 -10.81 1.66
CA LEU A 203 -12.85 -11.77 2.27
C LEU A 203 -13.69 -11.28 3.44
N VAL A 204 -13.09 -10.48 4.33
CA VAL A 204 -13.82 -10.00 5.49
C VAL A 204 -14.14 -8.50 5.53
N GLY A 205 -13.47 -7.72 4.69
CA GLY A 205 -13.70 -6.28 4.68
C GLY A 205 -15.05 -5.76 4.21
N LEU A 206 -15.85 -6.62 3.60
CA LEU A 206 -17.17 -6.19 3.12
C LEU A 206 -18.32 -6.89 3.83
N GLU A 207 -18.04 -7.50 4.97
CA GLU A 207 -19.07 -8.23 5.72
C GLU A 207 -19.93 -7.42 6.67
N ALA A 208 -19.39 -6.31 7.19
CA ALA A 208 -20.16 -5.46 8.10
C ALA A 208 -21.36 -4.87 7.38
N ARG A 209 -21.12 -4.29 6.21
CA ARG A 209 -22.19 -3.69 5.41
C ARG A 209 -21.99 -4.11 3.95
N HIS A 210 -22.67 -5.18 3.55
CA HIS A 210 -22.54 -5.67 2.18
C HIS A 210 -22.73 -4.55 1.16
N GLU A 211 -23.53 -3.55 1.52
CA GLU A 211 -23.76 -2.44 0.60
C GLU A 211 -22.48 -1.65 0.28
N GLN A 212 -21.41 -1.85 1.04
CA GLN A 212 -20.16 -1.14 0.75
C GLN A 212 -19.62 -1.59 -0.60
N GLY A 213 -20.11 -2.73 -1.07
CA GLY A 213 -19.65 -3.24 -2.36
C GLY A 213 -20.43 -2.74 -3.56
N ASP A 214 -21.56 -2.09 -3.32
CA ASP A 214 -22.40 -1.58 -4.41
C ASP A 214 -21.70 -0.64 -5.39
N PRO A 215 -20.84 0.26 -4.90
CA PRO A 215 -20.18 1.17 -5.83
C PRO A 215 -18.79 0.71 -6.26
N LEU A 216 -18.34 -0.43 -5.74
CA LEU A 216 -17.01 -0.94 -6.05
C LEU A 216 -16.84 -1.61 -7.41
N ALA A 217 -15.70 -1.33 -8.03
CA ALA A 217 -15.33 -1.92 -9.30
C ALA A 217 -13.96 -2.55 -9.03
N ALA A 218 -13.91 -3.87 -8.89
CA ALA A 218 -12.65 -4.53 -8.62
C ALA A 218 -11.91 -4.71 -9.93
N VAL A 219 -10.68 -4.21 -9.97
CA VAL A 219 -9.85 -4.33 -11.16
C VAL A 219 -8.66 -5.22 -10.86
N LEU A 220 -8.73 -6.46 -11.35
CA LEU A 220 -7.66 -7.41 -11.14
C LEU A 220 -6.63 -7.28 -12.26
N LEU A 221 -5.48 -6.74 -11.90
CA LEU A 221 -4.39 -6.50 -12.83
C LEU A 221 -3.38 -7.63 -12.94
N GLY A 222 -3.37 -8.30 -14.10
CA GLY A 222 -2.41 -9.37 -14.29
C GLY A 222 -2.84 -10.77 -13.89
N PRO A 223 -1.97 -11.77 -14.13
CA PRO A 223 -2.16 -13.19 -13.82
C PRO A 223 -1.77 -13.58 -12.41
N GLY A 224 -1.85 -14.88 -12.12
CA GLY A 224 -1.48 -15.38 -10.81
C GLY A 224 -2.58 -16.08 -10.05
N GLU A 225 -2.17 -16.99 -9.17
CA GLU A 225 -3.12 -17.75 -8.34
C GLU A 225 -3.95 -16.79 -7.51
N GLU A 226 -3.31 -15.74 -7.02
CA GLU A 226 -3.97 -14.74 -6.20
C GLU A 226 -5.04 -13.96 -6.95
N ALA A 227 -4.82 -13.74 -8.24
CA ALA A 227 -5.81 -13.04 -9.05
C ALA A 227 -7.05 -13.92 -9.14
N ALA A 228 -6.83 -15.22 -9.31
CA ALA A 228 -7.93 -16.18 -9.39
C ALA A 228 -8.68 -16.24 -8.07
N LEU A 229 -7.95 -16.31 -6.97
CA LEU A 229 -8.58 -16.38 -5.65
C LEU A 229 -9.33 -15.09 -5.34
N ALA A 230 -8.79 -13.97 -5.81
CA ALA A 230 -9.42 -12.67 -5.58
C ALA A 230 -10.77 -12.61 -6.30
N LYS A 231 -10.80 -13.10 -7.54
CA LYS A 231 -12.04 -13.10 -8.29
C LYS A 231 -13.06 -14.00 -7.60
N GLU A 232 -12.60 -15.14 -7.11
CA GLU A 232 -13.46 -16.10 -6.42
C GLU A 232 -14.10 -15.45 -5.19
N ILE A 233 -13.35 -14.58 -4.53
CA ILE A 233 -13.83 -13.88 -3.34
C ILE A 233 -14.71 -12.66 -3.65
N LEU A 234 -14.26 -11.84 -4.60
CA LEU A 234 -14.95 -10.59 -4.94
C LEU A 234 -16.14 -10.58 -5.90
N GLU A 235 -16.16 -11.47 -6.89
CA GLU A 235 -17.24 -11.47 -7.86
C GLU A 235 -18.63 -11.32 -7.25
N SER A 236 -18.89 -12.03 -6.15
CA SER A 236 -20.20 -11.98 -5.52
C SER A 236 -20.31 -10.92 -4.41
N ARG A 237 -19.26 -10.11 -4.25
CA ARG A 237 -19.27 -9.08 -3.20
C ARG A 237 -19.17 -7.64 -3.71
N VAL A 238 -18.92 -7.46 -5.00
CA VAL A 238 -18.79 -6.12 -5.56
C VAL A 238 -19.70 -5.90 -6.78
N ASP A 239 -19.97 -4.65 -7.09
CA ASP A 239 -20.85 -4.31 -8.21
C ASP A 239 -20.29 -4.67 -9.59
N ALA A 240 -18.98 -4.51 -9.78
CA ALA A 240 -18.37 -4.81 -11.07
C ALA A 240 -16.96 -5.34 -10.86
N LEU A 241 -16.52 -6.20 -11.78
CA LEU A 241 -15.19 -6.78 -11.69
C LEU A 241 -14.58 -6.92 -13.09
N ALA A 242 -13.34 -6.46 -13.22
CA ALA A 242 -12.63 -6.53 -14.48
C ALA A 242 -11.32 -7.28 -14.33
N GLU A 243 -11.01 -8.11 -15.31
CA GLU A 243 -9.76 -8.86 -15.33
C GLU A 243 -8.94 -8.29 -16.47
N VAL A 244 -7.85 -7.62 -16.14
CA VAL A 244 -6.99 -7.00 -17.13
C VAL A 244 -5.77 -7.86 -17.41
N PRO A 245 -5.59 -8.28 -18.67
CA PRO A 245 -4.44 -9.10 -19.05
C PRO A 245 -3.17 -8.27 -19.03
N ALA A 246 -2.05 -8.91 -18.71
CA ALA A 246 -0.77 -8.22 -18.67
C ALA A 246 0.06 -8.66 -19.87
N THR A 247 0.04 -7.87 -20.93
CA THR A 247 0.81 -8.21 -22.11
C THR A 247 2.28 -7.93 -21.81
N GLY A 248 3.16 -8.67 -22.47
CA GLY A 248 4.58 -8.50 -22.23
C GLY A 248 5.17 -9.89 -22.07
N ALA A 249 6.41 -10.05 -22.50
CA ALA A 249 7.08 -11.34 -22.42
C ALA A 249 7.73 -11.66 -21.08
N ASN A 250 7.81 -10.67 -20.19
CA ASN A 250 8.41 -10.88 -18.88
C ASN A 250 7.76 -9.99 -17.82
N ARG A 251 8.06 -10.29 -16.55
CA ARG A 251 7.49 -9.55 -15.43
C ARG A 251 7.50 -8.02 -15.57
N LEU A 252 8.66 -7.43 -15.87
CA LEU A 252 8.72 -5.98 -16.00
C LEU A 252 7.88 -5.48 -17.18
N ALA A 253 7.89 -6.22 -18.28
CA ALA A 253 7.12 -5.83 -19.44
C ALA A 253 5.63 -5.89 -19.09
N GLN A 254 5.24 -6.92 -18.35
CA GLN A 254 3.85 -7.09 -17.94
C GLN A 254 3.40 -5.97 -17.01
N VAL A 255 4.26 -5.59 -16.07
CA VAL A 255 3.93 -4.53 -15.13
C VAL A 255 3.74 -3.20 -15.86
N MSE A 256 4.68 -2.88 -16.75
CA MSE A 256 4.59 -1.63 -17.48
C MSE A 256 3.43 -1.60 -18.49
O MSE A 256 2.85 -0.56 -18.76
CB MSE A 256 5.93 -1.34 -18.18
CG MSE A 256 7.05 -0.98 -17.20
SE MSE A 256 6.54 0.40 -15.93
CE MSE A 256 6.65 1.96 -17.08
N ALA A 257 3.12 -2.76 -19.07
CA ALA A 257 2.02 -2.82 -20.01
C ALA A 257 0.72 -2.54 -19.27
N LEU A 258 0.59 -3.11 -18.08
CA LEU A 258 -0.60 -2.87 -17.26
C LEU A 258 -0.65 -1.39 -16.88
N TRP A 259 0.50 -0.86 -16.48
CA TRP A 259 0.60 0.54 -16.10
C TRP A 259 0.18 1.46 -17.24
N TYR A 260 0.71 1.20 -18.42
CA TYR A 260 0.40 2.00 -19.61
C TYR A 260 -1.08 1.91 -19.99
N ARG A 261 -1.68 0.73 -19.87
CA ARG A 261 -3.10 0.62 -20.21
C ARG A 261 -3.93 1.41 -19.19
N MSE A 262 -3.54 1.35 -17.92
CA MSE A 262 -4.26 2.07 -16.89
C MSE A 262 -4.08 3.57 -17.09
O MSE A 262 -4.97 4.36 -16.76
CB MSE A 262 -3.79 1.65 -15.49
CG MSE A 262 -4.18 0.23 -15.13
SE MSE A 262 -6.10 -0.02 -15.24
CE MSE A 262 -6.35 -0.91 -13.57
N ALA A 263 -2.92 3.98 -17.62
CA ALA A 263 -2.70 5.40 -17.84
C ALA A 263 -3.70 5.87 -18.90
N TRP A 264 -3.89 5.05 -19.93
CA TRP A 264 -4.84 5.39 -20.99
C TRP A 264 -6.25 5.38 -20.40
N THR A 265 -6.51 4.43 -19.52
CA THR A 265 -7.82 4.32 -18.89
C THR A 265 -8.12 5.57 -18.05
N ALA A 266 -7.14 6.00 -17.25
CA ALA A 266 -7.33 7.19 -16.42
C ALA A 266 -7.63 8.39 -17.32
N TYR A 267 -6.94 8.47 -18.46
CA TYR A 267 -7.16 9.58 -19.39
C TYR A 267 -8.62 9.63 -19.85
N TYR A 268 -9.13 8.49 -20.29
CA TYR A 268 -10.51 8.40 -20.75
C TYR A 268 -11.51 8.67 -19.63
N LEU A 269 -11.19 8.23 -18.41
CA LEU A 269 -12.09 8.46 -17.29
C LEU A 269 -12.20 9.96 -17.03
N ALA A 270 -11.07 10.67 -17.15
CA ALA A 270 -11.08 12.12 -16.95
C ALA A 270 -12.03 12.71 -17.98
N LEU A 271 -11.94 12.24 -19.22
CA LEU A 271 -12.83 12.76 -20.26
C LEU A 271 -14.29 12.48 -19.94
N LEU A 272 -14.59 11.31 -19.40
CA LEU A 272 -15.97 10.96 -19.06
C LEU A 272 -16.51 11.91 -17.98
N TYR A 273 -15.65 12.33 -17.06
CA TYR A 273 -16.08 13.25 -16.02
C TYR A 273 -16.01 14.68 -16.52
N GLY A 274 -15.48 14.84 -17.73
CA GLY A 274 -15.37 16.17 -18.31
C GLY A 274 -14.36 17.06 -17.62
N VAL A 275 -13.28 16.47 -17.13
CA VAL A 275 -12.22 17.25 -16.46
C VAL A 275 -10.93 17.12 -17.27
N ASP A 276 -10.08 18.14 -17.19
CA ASP A 276 -8.82 18.13 -17.91
C ASP A 276 -7.89 17.08 -17.30
N PRO A 277 -7.42 16.12 -18.12
CA PRO A 277 -6.53 15.04 -17.67
C PRO A 277 -5.14 15.57 -17.29
N GLY A 278 -4.83 16.78 -17.76
CA GLY A 278 -3.53 17.37 -17.48
C GLY A 278 -3.32 17.88 -16.07
N ASP A 279 -2.09 18.28 -15.77
CA ASP A 279 -1.76 18.79 -14.44
C ASP A 279 -2.17 20.26 -14.32
N HIS A 280 -2.43 20.69 -13.09
CA HIS A 280 -2.80 22.08 -12.83
C HIS A 280 -1.51 22.90 -12.88
N GLY A 281 -1.62 24.20 -13.12
CA GLY A 281 -0.43 25.04 -13.11
C GLY A 281 -0.19 25.31 -11.63
N LEU A 282 1.00 25.00 -11.13
CA LEU A 282 1.27 25.20 -9.71
C LEU A 282 1.77 26.57 -9.28
N LEU A 283 1.96 27.49 -10.22
CA LEU A 283 2.43 28.83 -9.86
C LEU A 283 1.45 29.94 -10.18
N GLU A 284 0.55 29.68 -11.12
CA GLU A 284 -0.45 30.65 -11.53
C GLU A 284 -1.50 30.88 -10.44
N MSE B 1 -28.86 3.67 16.45
CA MSE B 1 -27.38 3.66 16.64
C MSE B 1 -27.04 2.99 17.98
O MSE B 1 -27.46 3.45 19.04
CB MSE B 1 -26.83 5.07 16.61
CG MSE B 1 -25.32 5.17 16.77
SE MSE B 1 -24.66 6.95 16.43
CE MSE B 1 -24.98 7.71 18.18
N ARG B 2 -26.25 1.91 17.91
CA ARG B 2 -25.86 1.19 19.11
C ARG B 2 -25.01 2.04 20.05
N ASP B 3 -25.16 1.79 21.35
CA ASP B 3 -24.45 2.52 22.39
C ASP B 3 -23.32 1.67 22.97
N LEU B 4 -22.10 2.15 22.81
CA LEU B 4 -20.91 1.44 23.30
C LEU B 4 -20.80 1.46 24.82
N ASP B 5 -21.76 2.14 25.47
CA ASP B 5 -21.74 2.19 26.92
C ASP B 5 -22.88 1.34 27.53
N ARG B 6 -23.51 0.51 26.70
CA ARG B 6 -24.55 -0.40 27.17
C ARG B 6 -23.98 -1.81 27.06
N GLU B 7 -24.10 -2.59 28.13
CA GLU B 7 -23.54 -3.93 28.16
C GLU B 7 -24.03 -4.93 27.11
N GLU B 8 -25.30 -4.88 26.76
CA GLU B 8 -25.81 -5.84 25.78
C GLU B 8 -25.22 -5.65 24.39
N THR B 9 -24.56 -4.51 24.18
CA THR B 9 -23.93 -4.22 22.89
C THR B 9 -22.72 -5.10 22.64
N TYR B 10 -22.19 -5.70 23.70
CA TYR B 10 -21.01 -6.56 23.60
C TYR B 10 -21.30 -8.06 23.44
N LEU B 11 -22.56 -8.46 23.58
CA LEU B 11 -22.90 -9.88 23.45
C LEU B 11 -22.43 -10.51 22.13
N VAL B 12 -22.34 -9.71 21.08
CA VAL B 12 -21.90 -10.22 19.78
C VAL B 12 -20.41 -10.60 19.78
N ASP B 13 -19.68 -10.17 20.81
CA ASP B 13 -18.24 -10.47 20.93
C ASP B 13 -18.11 -11.86 21.56
N ARG B 14 -18.60 -12.87 20.85
CA ARG B 14 -18.59 -14.24 21.32
C ARG B 14 -17.23 -14.83 21.72
N THR B 15 -16.19 -14.59 20.94
CA THR B 15 -14.87 -15.13 21.25
C THR B 15 -14.08 -14.28 22.23
N GLY B 16 -14.66 -13.17 22.66
CA GLY B 16 -14.00 -12.30 23.63
C GLY B 16 -12.71 -11.63 23.15
N LEU B 17 -12.80 -10.83 22.10
CA LEU B 17 -11.61 -10.14 21.61
C LEU B 17 -11.26 -9.00 22.57
N ALA B 18 -12.25 -8.51 23.30
CA ALA B 18 -12.02 -7.43 24.25
C ALA B 18 -10.99 -7.89 25.30
N LEU B 19 -11.11 -9.15 25.73
CA LEU B 19 -10.18 -9.69 26.71
C LEU B 19 -8.78 -9.83 26.11
N GLU B 20 -8.70 -10.31 24.87
CA GLU B 20 -7.41 -10.47 24.21
C GLU B 20 -6.74 -9.10 24.01
N LEU B 21 -7.53 -8.11 23.63
CA LEU B 21 -7.02 -6.76 23.43
C LEU B 21 -6.44 -6.26 24.75
N ARG B 22 -7.19 -6.48 25.82
CA ARG B 22 -6.77 -6.04 27.15
C ARG B 22 -5.47 -6.67 27.64
N ASP B 23 -5.33 -7.97 27.40
CA ASP B 23 -4.14 -8.71 27.87
C ASP B 23 -3.00 -8.86 26.87
N LEU B 24 -3.08 -8.16 25.74
CA LEU B 24 -2.06 -8.28 24.71
C LEU B 24 -0.60 -8.18 25.14
N VAL B 25 -0.26 -7.16 25.90
CA VAL B 25 1.10 -6.95 26.35
C VAL B 25 1.62 -8.13 27.18
N GLY B 26 2.73 -8.72 26.73
CA GLY B 26 3.29 -9.85 27.47
C GLY B 26 2.88 -11.20 26.91
N THR B 27 2.08 -11.21 25.84
CA THR B 27 1.68 -12.48 25.23
C THR B 27 2.55 -12.76 24.01
N GLY B 28 2.66 -14.03 23.64
CA GLY B 28 3.47 -14.40 22.50
C GLY B 28 4.70 -15.18 22.92
N PRO B 29 5.33 -15.92 21.99
CA PRO B 29 6.53 -16.71 22.30
C PRO B 29 7.74 -15.86 22.68
N VAL B 30 8.57 -16.45 23.53
CA VAL B 30 9.79 -15.82 24.02
C VAL B 30 10.95 -16.68 23.51
N PRO B 31 12.00 -16.06 22.96
CA PRO B 31 13.12 -16.86 22.47
C PRO B 31 13.80 -17.63 23.60
N GLY B 32 14.09 -18.90 23.36
CA GLY B 32 14.73 -19.73 24.37
C GLY B 32 16.21 -19.92 24.14
N GLU B 33 16.79 -19.13 23.25
CA GLU B 33 18.22 -19.25 22.96
C GLU B 33 18.75 -17.98 22.30
N ALA B 34 20.06 -17.81 22.35
CA ALA B 34 20.71 -16.65 21.76
C ALA B 34 21.01 -16.87 20.29
N TYR B 35 20.05 -16.55 19.44
CA TYR B 35 20.21 -16.71 18.00
C TYR B 35 21.46 -15.96 17.55
N PRO B 36 22.37 -16.66 16.88
CA PRO B 36 23.61 -16.03 16.39
C PRO B 36 23.36 -14.97 15.33
N GLY B 37 23.93 -13.80 15.52
CA GLY B 37 23.79 -12.73 14.56
C GLY B 37 24.74 -12.96 13.41
N PRO B 38 24.67 -12.15 12.33
CA PRO B 38 23.73 -11.04 12.16
C PRO B 38 22.29 -11.54 12.03
N HIS B 39 21.34 -10.64 12.21
CA HIS B 39 19.93 -10.99 12.14
C HIS B 39 19.21 -10.47 10.90
N ALA B 40 18.27 -11.26 10.40
CA ALA B 40 17.48 -10.87 9.24
C ALA B 40 16.07 -11.42 9.42
N ALA B 41 15.09 -10.76 8.81
CA ALA B 41 13.71 -11.21 8.90
C ALA B 41 12.94 -10.92 7.63
N LEU B 42 12.11 -11.89 7.25
CA LEU B 42 11.26 -11.78 6.07
C LEU B 42 9.90 -12.23 6.55
N GLY B 43 8.90 -11.37 6.46
CA GLY B 43 7.59 -11.74 6.94
C GLY B 43 6.47 -11.81 5.92
N TYR B 44 5.45 -12.59 6.26
CA TYR B 44 4.27 -12.78 5.42
C TYR B 44 3.03 -12.72 6.30
N GLY B 45 1.93 -12.22 5.72
CA GLY B 45 0.68 -12.14 6.47
C GLY B 45 0.80 -11.42 7.80
N GLU B 46 0.44 -12.11 8.87
CA GLU B 46 0.48 -11.57 10.22
C GLU B 46 1.89 -11.27 10.71
N GLY B 47 2.89 -11.63 9.92
CA GLY B 47 4.26 -11.38 10.31
C GLY B 47 4.98 -10.30 9.51
N GLN B 48 4.37 -9.85 8.42
CA GLN B 48 5.00 -8.84 7.56
C GLN B 48 5.24 -7.48 8.21
N PHE B 49 4.20 -6.92 8.82
CA PHE B 49 4.33 -5.61 9.45
C PHE B 49 5.46 -5.62 10.49
N ALA B 50 5.50 -6.66 11.32
CA ALA B 50 6.51 -6.78 12.36
C ALA B 50 7.91 -6.86 11.76
N ALA B 51 8.05 -7.60 10.67
CA ALA B 51 9.35 -7.74 10.01
C ALA B 51 9.83 -6.36 9.58
N LEU B 52 8.95 -5.57 8.99
CA LEU B 52 9.31 -4.23 8.54
C LEU B 52 9.64 -3.29 9.70
N LEU B 53 8.83 -3.36 10.76
CA LEU B 53 9.03 -2.53 11.94
C LEU B 53 10.38 -2.74 12.59
N SER B 54 10.85 -4.00 12.59
CA SER B 54 12.12 -4.34 13.19
C SER B 54 13.28 -3.62 12.50
N GLY B 55 13.10 -3.30 11.22
CA GLY B 55 14.15 -2.63 10.48
C GLY B 55 15.25 -3.58 10.04
N LEU B 56 15.13 -4.85 10.42
CA LEU B 56 16.12 -5.85 10.06
C LEU B 56 16.17 -6.04 8.54
N PRO B 57 17.33 -6.45 8.00
CA PRO B 57 17.39 -6.66 6.55
C PRO B 57 16.46 -7.83 6.19
N ASP B 58 16.01 -7.87 4.95
CA ASP B 58 15.09 -8.92 4.50
C ASP B 58 15.78 -10.19 4.01
N TRP B 59 17.08 -10.30 4.24
CA TRP B 59 17.82 -11.47 3.81
C TRP B 59 19.24 -11.49 4.38
N GLY B 60 19.79 -12.69 4.54
CA GLY B 60 21.13 -12.81 5.08
C GLY B 60 21.85 -14.05 4.59
N GLU B 61 23.17 -13.95 4.49
CA GLU B 61 24.00 -15.06 4.02
C GLU B 61 24.60 -15.80 5.21
N GLU B 62 24.60 -15.15 6.36
CA GLU B 62 25.16 -15.73 7.59
C GLU B 62 24.30 -15.40 8.80
N GLY B 63 24.51 -16.13 9.89
CA GLY B 63 23.76 -15.88 11.11
C GLY B 63 22.38 -16.54 11.15
N THR B 64 21.37 -15.74 11.45
CA THR B 64 20.01 -16.24 11.54
C THR B 64 19.04 -15.45 10.67
N LEU B 65 18.17 -16.17 9.98
CA LEU B 65 17.16 -15.56 9.13
C LEU B 65 15.81 -15.96 9.72
N PHE B 66 15.08 -14.98 10.22
CA PHE B 66 13.76 -15.24 10.80
C PHE B 66 12.70 -15.16 9.72
N LEU B 67 12.06 -16.28 9.45
CA LEU B 67 11.02 -16.37 8.43
C LEU B 67 9.69 -16.31 9.16
N LEU B 68 9.04 -15.14 9.15
CA LEU B 68 7.77 -14.96 9.84
C LEU B 68 6.60 -15.38 8.95
N GLU B 69 6.27 -16.67 9.00
CA GLU B 69 5.21 -17.23 8.18
C GLU B 69 3.82 -16.99 8.76
N GLY B 70 3.34 -15.77 8.59
CA GLY B 70 2.04 -15.38 9.11
C GLY B 70 0.88 -15.61 8.16
N GLY B 71 1.09 -16.43 7.14
CA GLY B 71 0.03 -16.75 6.19
C GLY B 71 0.00 -16.07 4.84
N TYR B 72 -0.79 -16.66 3.94
CA TYR B 72 -1.02 -16.16 2.59
C TYR B 72 0.16 -16.06 1.63
N ASP B 73 1.27 -16.74 1.93
CA ASP B 73 2.45 -16.65 1.07
C ASP B 73 2.42 -17.60 -0.13
N LEU B 74 1.37 -18.41 -0.24
CA LEU B 74 1.23 -19.36 -1.34
C LEU B 74 2.48 -20.15 -1.67
N GLY B 75 3.12 -20.70 -0.65
CA GLY B 75 4.31 -21.51 -0.88
C GLY B 75 5.64 -20.79 -0.94
N GLU B 76 5.63 -19.48 -1.16
CA GLU B 76 6.88 -18.73 -1.25
C GLU B 76 7.79 -18.95 -0.04
N ALA B 77 7.22 -18.89 1.16
CA ALA B 77 8.01 -19.07 2.38
C ALA B 77 8.95 -20.26 2.29
N ALA B 78 8.43 -21.40 1.87
CA ALA B 78 9.24 -22.61 1.75
C ALA B 78 10.37 -22.39 0.76
N GLY B 79 10.08 -21.64 -0.30
CA GLY B 79 11.09 -21.37 -1.31
C GLY B 79 12.27 -20.64 -0.70
N MSE B 80 11.99 -19.49 -0.08
CA MSE B 80 13.05 -18.69 0.54
C MSE B 80 13.85 -19.54 1.51
O MSE B 80 15.07 -19.41 1.61
CB MSE B 80 12.44 -17.50 1.28
CG MSE B 80 11.68 -16.55 0.38
SE MSE B 80 12.78 -15.92 -1.08
CE MSE B 80 12.21 -17.16 -2.43
N ALA B 81 13.17 -20.43 2.23
CA ALA B 81 13.83 -21.30 3.19
C ALA B 81 14.85 -22.15 2.43
N LEU B 82 14.42 -22.67 1.28
CA LEU B 82 15.28 -23.50 0.45
C LEU B 82 16.48 -22.66 -0.02
N LEU B 83 16.19 -21.48 -0.56
CA LEU B 83 17.26 -20.59 -1.03
C LEU B 83 18.28 -20.39 0.07
N ALA B 84 17.80 -20.21 1.30
CA ALA B 84 18.68 -20.01 2.45
C ALA B 84 19.33 -21.33 2.83
N GLY B 87 23.15 -20.83 1.26
CA GLY B 87 23.80 -19.89 2.16
C GLY B 87 24.22 -20.54 3.46
N ARG B 88 24.71 -19.72 4.39
CA ARG B 88 25.17 -20.20 5.69
C ARG B 88 24.27 -19.70 6.82
N ALA B 89 23.21 -19.00 6.47
CA ALA B 89 22.29 -18.46 7.47
C ALA B 89 21.35 -19.54 8.00
N ARG B 90 21.16 -19.54 9.31
CA ARG B 90 20.26 -20.50 9.95
C ARG B 90 18.85 -19.96 9.81
N VAL B 91 17.94 -20.83 9.34
CA VAL B 91 16.55 -20.42 9.15
C VAL B 91 15.68 -20.79 10.35
N VAL B 92 14.98 -19.80 10.88
CA VAL B 92 14.07 -20.01 12.00
C VAL B 92 12.67 -19.63 11.57
N ARG B 93 11.80 -20.63 11.44
CA ARG B 93 10.43 -20.43 11.03
C ARG B 93 9.51 -20.11 12.20
N VAL B 94 8.85 -18.97 12.11
CA VAL B 94 7.93 -18.50 13.15
C VAL B 94 6.57 -18.29 12.49
N GLY B 95 5.56 -19.03 12.93
CA GLY B 95 4.24 -18.87 12.34
C GLY B 95 3.15 -19.72 12.98
N PHE B 96 2.10 -20.03 12.22
CA PHE B 96 1.01 -20.83 12.77
C PHE B 96 0.96 -22.27 12.27
N ARG B 97 1.62 -22.57 11.16
CA ARG B 97 1.62 -23.93 10.64
C ARG B 97 2.35 -24.86 11.61
N PRO B 98 1.90 -26.12 11.70
CA PRO B 98 2.48 -27.13 12.58
C PRO B 98 3.97 -27.43 12.40
N GLY B 99 4.52 -27.10 11.23
CA GLY B 99 5.92 -27.36 10.97
C GLY B 99 6.91 -26.28 11.38
N VAL B 100 6.43 -25.16 11.92
CA VAL B 100 7.31 -24.07 12.32
C VAL B 100 8.07 -24.36 13.61
N GLU B 101 9.16 -23.63 13.83
CA GLU B 101 9.98 -23.80 15.02
C GLU B 101 9.41 -23.02 16.22
N VAL B 102 8.84 -21.85 15.94
CA VAL B 102 8.23 -21.02 16.97
C VAL B 102 6.79 -20.74 16.54
N HIS B 103 5.85 -21.16 17.38
CA HIS B 103 4.43 -21.02 17.06
C HIS B 103 3.71 -19.77 17.54
N ILE B 104 2.97 -19.14 16.62
CA ILE B 104 2.17 -17.96 16.90
C ILE B 104 0.86 -18.18 16.15
N PRO B 105 -0.18 -18.66 16.85
CA PRO B 105 -1.48 -18.90 16.22
C PRO B 105 -2.08 -17.65 15.58
N PRO B 106 -2.97 -17.83 14.59
CA PRO B 106 -3.60 -16.72 13.90
C PRO B 106 -4.37 -15.82 14.85
N SER B 107 -4.24 -14.51 14.63
CA SER B 107 -4.92 -13.51 15.45
C SER B 107 -4.67 -12.15 14.82
N PRO B 108 -5.67 -11.27 14.87
CA PRO B 108 -5.52 -9.92 14.29
C PRO B 108 -4.44 -9.19 15.06
N LEU B 109 -4.22 -9.62 16.30
CA LEU B 109 -3.23 -8.99 17.18
C LEU B 109 -1.84 -9.65 17.11
N ALA B 110 -1.70 -10.69 16.29
CA ALA B 110 -0.43 -11.38 16.19
C ALA B 110 0.76 -10.47 15.82
N PRO B 111 0.53 -9.37 15.08
CA PRO B 111 1.68 -8.51 14.75
C PRO B 111 2.49 -8.11 15.97
N TYR B 112 1.82 -7.81 17.07
CA TYR B 112 2.51 -7.44 18.29
C TYR B 112 3.37 -8.61 18.79
N ARG B 113 2.81 -9.81 18.73
CA ARG B 113 3.53 -10.99 19.20
C ARG B 113 4.75 -11.32 18.32
N TYR B 114 4.64 -11.13 17.01
CA TYR B 114 5.79 -11.38 16.14
C TYR B 114 6.89 -10.37 16.45
N LEU B 115 6.51 -9.10 16.58
CA LEU B 115 7.48 -8.04 16.87
C LEU B 115 8.18 -8.27 18.20
N ARG B 116 7.41 -8.61 19.22
CA ARG B 116 7.95 -8.88 20.55
C ARG B 116 9.02 -9.97 20.46
N PHE B 117 8.74 -11.02 19.70
CA PHE B 117 9.69 -12.11 19.55
C PHE B 117 10.98 -11.61 18.89
N LEU B 118 10.84 -10.86 17.80
CA LEU B 118 12.01 -10.33 17.09
C LEU B 118 12.86 -9.41 17.96
N LEU B 119 12.23 -8.53 18.73
CA LEU B 119 12.97 -7.62 19.58
C LEU B 119 13.75 -8.41 20.64
N LEU B 120 13.09 -9.41 21.23
CA LEU B 120 13.73 -10.23 22.25
C LEU B 120 14.80 -11.14 21.66
N ALA B 121 14.65 -11.48 20.38
CA ALA B 121 15.60 -12.35 19.70
C ALA B 121 16.82 -11.58 19.21
N THR B 122 16.70 -10.26 19.08
CA THR B 122 17.80 -9.45 18.59
C THR B 122 18.40 -8.50 19.63
N GLY B 123 18.23 -8.84 20.90
CA GLY B 123 18.79 -8.02 21.97
C GLY B 123 18.19 -6.64 22.18
N ARG B 124 16.94 -6.46 21.79
CA ARG B 124 16.29 -5.16 21.97
C ARG B 124 15.21 -5.16 23.05
N GLU B 125 15.54 -5.69 24.22
CA GLU B 125 14.59 -5.76 25.33
C GLU B 125 14.10 -4.38 25.77
N GLU B 126 14.99 -3.40 25.75
CA GLU B 126 14.62 -2.04 26.16
C GLU B 126 13.64 -1.40 25.20
N VAL B 127 13.83 -1.65 23.90
CA VAL B 127 12.91 -1.10 22.92
C VAL B 127 11.53 -1.70 23.18
N LEU B 128 11.51 -3.01 23.41
CA LEU B 128 10.25 -3.71 23.69
C LEU B 128 9.59 -3.11 24.93
N ARG B 129 10.39 -2.79 25.95
CA ARG B 129 9.82 -2.22 27.14
C ARG B 129 9.10 -0.90 26.84
N SER B 130 9.66 -0.07 25.96
CA SER B 130 9.02 1.20 25.62
C SER B 130 7.70 0.96 24.87
N VAL B 131 7.65 -0.11 24.08
CA VAL B 131 6.43 -0.45 23.34
C VAL B 131 5.36 -0.89 24.34
N ASP B 132 5.71 -1.82 25.22
CA ASP B 132 4.78 -2.31 26.24
C ASP B 132 4.28 -1.17 27.14
N GLU B 133 5.19 -0.28 27.51
CA GLU B 133 4.82 0.85 28.36
C GLU B 133 3.78 1.73 27.68
N ALA B 134 3.98 1.98 26.39
CA ALA B 134 3.07 2.80 25.60
C ALA B 134 1.70 2.12 25.47
N LEU B 135 1.69 0.82 25.22
CA LEU B 135 0.43 0.11 25.09
C LEU B 135 -0.31 0.02 26.41
N LEU B 136 0.42 -0.11 27.52
CA LEU B 136 -0.22 -0.19 28.83
C LEU B 136 -0.84 1.16 29.17
N GLU B 137 -0.18 2.24 28.74
CA GLU B 137 -0.70 3.58 28.99
C GLU B 137 -1.97 3.74 28.17
N GLU B 138 -1.89 3.38 26.89
CA GLU B 138 -3.03 3.46 25.97
C GLU B 138 -4.23 2.71 26.52
N ARG B 139 -3.99 1.48 26.94
CA ARG B 139 -5.01 0.59 27.48
C ARG B 139 -5.89 1.20 28.57
N ARG B 140 -5.31 2.09 29.37
CA ARG B 140 -6.05 2.72 30.48
C ARG B 140 -7.35 3.42 30.07
N ARG B 141 -7.39 4.00 28.88
CA ARG B 141 -8.57 4.72 28.43
C ARG B 141 -9.33 4.05 27.29
N LEU B 142 -8.92 2.85 26.91
CA LEU B 142 -9.57 2.16 25.79
C LEU B 142 -10.52 1.02 26.11
N GLY B 143 -10.51 0.56 27.36
CA GLY B 143 -11.39 -0.54 27.73
C GLY B 143 -12.87 -0.23 27.70
N PRO B 144 -13.72 -1.26 27.59
CA PRO B 144 -15.18 -1.15 27.54
C PRO B 144 -15.77 -0.42 28.74
N GLU B 145 -15.09 -0.51 29.88
CA GLU B 145 -15.57 0.14 31.10
C GLU B 145 -15.34 1.65 31.07
N VAL B 146 -14.51 2.10 30.12
CA VAL B 146 -14.24 3.53 29.98
C VAL B 146 -15.29 4.14 29.06
N PRO B 147 -16.13 5.04 29.58
CA PRO B 147 -17.18 5.68 28.77
C PRO B 147 -16.70 6.41 27.52
N VAL B 148 -17.59 6.57 26.55
CA VAL B 148 -17.27 7.23 25.29
C VAL B 148 -16.59 8.59 25.43
N GLU B 149 -17.12 9.43 26.33
CA GLU B 149 -16.54 10.75 26.52
C GLU B 149 -15.07 10.72 26.97
N GLU B 150 -14.60 9.58 27.45
CA GLU B 150 -13.21 9.48 27.89
C GLU B 150 -12.42 8.41 27.13
N ASN B 151 -13.10 7.72 26.23
CA ASN B 151 -12.47 6.65 25.46
C ASN B 151 -12.26 7.08 24.01
N PRO B 152 -11.00 7.28 23.59
CA PRO B 152 -10.66 7.72 22.23
C PRO B 152 -11.09 6.75 21.14
N ALA B 153 -10.99 5.44 21.42
CA ALA B 153 -11.38 4.43 20.44
C ALA B 153 -12.88 4.41 20.22
N LYS B 154 -13.65 4.51 21.31
CA LYS B 154 -15.10 4.53 21.19
C LYS B 154 -15.51 5.79 20.44
N PHE B 155 -14.90 6.92 20.82
CA PHE B 155 -15.22 8.18 20.17
C PHE B 155 -14.92 8.13 18.68
N LEU B 156 -13.74 7.62 18.32
CA LEU B 156 -13.36 7.54 16.90
C LEU B 156 -14.25 6.57 16.12
N ALA B 157 -14.67 5.49 16.78
CA ALA B 157 -15.51 4.50 16.13
C ALA B 157 -16.81 5.17 15.66
N TYR B 158 -17.38 6.02 16.52
CA TYR B 158 -18.59 6.73 16.16
C TYR B 158 -18.36 7.63 14.95
N THR B 159 -17.18 8.24 14.88
CA THR B 159 -16.83 9.13 13.77
C THR B 159 -16.68 8.35 12.46
N LEU B 160 -16.21 7.11 12.56
CA LEU B 160 -16.00 6.27 11.38
C LEU B 160 -17.26 5.51 10.96
N LEU B 161 -18.27 5.50 11.82
CA LEU B 161 -19.52 4.81 11.54
C LEU B 161 -20.14 5.31 10.23
N GLU B 162 -20.36 4.39 9.30
CA GLU B 162 -20.96 4.69 8.00
C GLU B 162 -20.15 5.69 7.17
N ARG B 163 -18.83 5.62 7.32
CA ARG B 163 -17.93 6.46 6.56
C ARG B 163 -16.83 5.57 6.00
N LEU B 164 -16.10 6.08 5.02
CA LEU B 164 -14.99 5.34 4.42
C LEU B 164 -13.73 5.99 4.97
N PRO B 165 -13.10 5.34 5.97
CA PRO B 165 -11.87 5.92 6.53
C PRO B 165 -10.65 5.90 5.61
N LEU B 166 -9.92 6.99 5.66
CA LEU B 166 -8.70 7.16 4.88
C LEU B 166 -7.58 7.33 5.91
N PHE B 167 -6.74 6.31 6.05
CA PHE B 167 -5.65 6.34 7.01
C PHE B 167 -4.33 6.82 6.41
N TYR B 168 -3.71 7.79 7.08
CA TYR B 168 -2.43 8.35 6.64
C TYR B 168 -1.48 8.40 7.84
N SER B 169 -0.35 7.70 7.74
CA SER B 169 0.64 7.63 8.81
C SER B 169 2.04 8.01 8.34
N PRO B 170 2.33 9.32 8.30
CA PRO B 170 3.62 9.88 7.88
C PRO B 170 4.83 9.34 8.64
N LEU B 171 4.70 9.17 9.96
CA LEU B 171 5.80 8.69 10.78
C LEU B 171 6.32 7.33 10.30
N PHE B 172 5.43 6.56 9.67
CA PHE B 172 5.79 5.25 9.15
C PHE B 172 4.64 4.83 8.23
N ARG B 173 4.85 4.99 6.92
CA ARG B 173 3.81 4.68 5.95
C ARG B 173 3.22 3.27 6.01
N PRO B 174 4.04 2.25 6.31
CA PRO B 174 3.46 0.91 6.36
C PRO B 174 2.38 0.72 7.44
N LEU B 175 2.30 1.67 8.38
CA LEU B 175 1.28 1.57 9.43
C LEU B 175 -0.13 1.62 8.82
N GLU B 176 -0.30 2.46 7.80
CA GLU B 176 -1.60 2.62 7.13
C GLU B 176 -2.15 1.27 6.69
N GLY B 177 -1.30 0.49 6.03
CA GLY B 177 -1.69 -0.82 5.55
C GLY B 177 -2.08 -1.75 6.70
N ALA B 178 -1.32 -1.69 7.79
CA ALA B 178 -1.61 -2.55 8.93
C ALA B 178 -2.95 -2.17 9.58
N VAL B 179 -3.24 -0.87 9.62
CA VAL B 179 -4.50 -0.40 10.20
C VAL B 179 -5.66 -0.73 9.26
N GLN B 180 -5.42 -0.61 7.95
CA GLN B 180 -6.45 -0.94 6.97
C GLN B 180 -6.84 -2.40 7.21
N THR B 181 -5.84 -3.23 7.48
CA THR B 181 -6.06 -4.65 7.73
C THR B 181 -6.83 -4.88 9.03
N LEU B 182 -6.55 -4.09 10.05
CA LEU B 182 -7.26 -4.23 11.32
C LEU B 182 -8.75 -3.95 11.13
N PHE B 183 -9.08 -2.92 10.35
CA PHE B 183 -10.47 -2.57 10.12
C PHE B 183 -11.23 -3.57 9.26
N ALA B 184 -10.51 -4.30 8.42
CA ALA B 184 -11.18 -5.30 7.59
C ALA B 184 -11.37 -6.57 8.42
N ARG B 185 -10.32 -7.00 9.13
CA ARG B 185 -10.44 -8.23 9.89
C ARG B 185 -11.28 -8.15 11.16
N VAL B 186 -11.18 -7.03 11.87
CA VAL B 186 -11.92 -6.84 13.11
C VAL B 186 -13.26 -6.13 12.90
N ALA B 187 -13.23 -4.99 12.22
CA ALA B 187 -14.47 -4.23 11.98
C ALA B 187 -15.24 -4.74 10.76
N LYS B 188 -14.63 -5.63 9.98
CA LYS B 188 -15.27 -6.20 8.80
C LYS B 188 -15.69 -5.05 7.88
N SER B 189 -14.93 -3.96 7.91
CA SER B 189 -15.23 -2.78 7.12
C SER B 189 -14.12 -2.33 6.18
N LEU B 190 -14.53 -1.64 5.12
CA LEU B 190 -13.63 -1.13 4.11
C LEU B 190 -12.99 0.18 4.53
N SER B 191 -11.74 0.40 4.13
CA SER B 191 -11.01 1.63 4.41
C SER B 191 -9.93 1.72 3.34
N LEU B 192 -9.28 2.88 3.23
CA LEU B 192 -8.23 2.98 2.23
C LEU B 192 -7.01 3.73 2.72
N THR B 193 -5.97 3.64 1.91
CA THR B 193 -4.69 4.26 2.18
C THR B 193 -4.29 5.06 0.96
N PRO B 194 -3.53 6.14 1.16
CA PRO B 194 -3.10 6.93 0.00
C PRO B 194 -1.90 6.26 -0.63
N PRO B 195 -1.54 6.65 -1.87
CA PRO B 195 -0.38 6.04 -2.52
C PRO B 195 0.91 6.63 -1.95
N PRO B 196 2.07 6.19 -2.46
CA PRO B 196 3.35 6.72 -1.98
C PRO B 196 3.39 8.25 -1.93
N SER B 197 2.97 8.90 -3.01
CA SER B 197 2.92 10.37 -3.06
C SER B 197 1.57 10.74 -2.46
N ALA B 198 1.48 10.65 -1.15
CA ALA B 198 0.22 10.92 -0.44
C ALA B 198 -0.35 12.33 -0.55
N LEU B 199 0.47 13.35 -0.30
CA LEU B 199 -0.03 14.72 -0.34
C LEU B 199 -0.56 15.13 -1.72
N GLU B 200 0.14 14.71 -2.78
CA GLU B 200 -0.31 15.04 -4.14
C GLU B 200 -1.69 14.42 -4.34
N PHE B 201 -1.84 13.20 -3.83
CA PHE B 201 -3.08 12.45 -3.93
C PHE B 201 -4.23 13.23 -3.26
N PHE B 202 -3.97 13.74 -2.07
CA PHE B 202 -4.98 14.49 -1.33
C PHE B 202 -5.44 15.73 -2.10
N LEU B 203 -4.49 16.36 -2.79
CA LEU B 203 -4.76 17.58 -3.55
C LEU B 203 -5.62 17.41 -4.81
N VAL B 204 -5.37 16.38 -5.59
CA VAL B 204 -6.10 16.19 -6.84
C VAL B 204 -7.14 15.08 -6.90
N GLY B 205 -6.94 14.01 -6.13
CA GLY B 205 -7.87 12.90 -6.18
C GLY B 205 -9.11 12.93 -5.31
N LEU B 206 -9.24 13.92 -4.43
CA LEU B 206 -10.39 13.97 -3.54
C LEU B 206 -11.39 15.10 -3.80
N GLU B 207 -12.16 14.98 -4.88
CA GLU B 207 -13.15 16.00 -5.21
C GLU B 207 -14.31 15.42 -6.03
N GLY B 213 -19.73 5.85 -3.04
CA GLY B 213 -19.35 5.29 -1.72
C GLY B 213 -19.64 6.23 -0.56
N ASP B 214 -19.46 5.74 0.66
CA ASP B 214 -19.71 6.55 1.86
C ASP B 214 -18.76 7.75 1.90
N PRO B 215 -19.14 8.81 2.65
CA PRO B 215 -18.28 9.98 2.75
C PRO B 215 -16.96 9.63 3.42
N LEU B 216 -15.88 10.29 3.01
CA LEU B 216 -14.56 10.01 3.56
C LEU B 216 -14.34 10.55 4.98
N ALA B 217 -13.52 9.82 5.74
CA ALA B 217 -13.16 10.22 7.10
C ALA B 217 -11.63 10.11 7.12
N ALA B 218 -10.96 11.25 7.06
CA ALA B 218 -9.51 11.24 7.09
C ALA B 218 -9.04 10.97 8.50
N VAL B 219 -8.09 10.05 8.63
CA VAL B 219 -7.54 9.71 9.95
C VAL B 219 -6.04 9.88 9.89
N LEU B 220 -5.53 10.97 10.44
CA LEU B 220 -4.10 11.24 10.43
C LEU B 220 -3.48 10.57 11.65
N LEU B 221 -2.63 9.58 11.40
CA LEU B 221 -1.98 8.84 12.46
C LEU B 221 -0.60 9.36 12.86
N GLY B 222 -0.51 9.94 14.05
CA GLY B 222 0.78 10.42 14.53
C GLY B 222 1.23 11.81 14.14
N PRO B 223 2.38 12.27 14.68
CA PRO B 223 2.98 13.58 14.44
C PRO B 223 3.81 13.67 13.16
N GLY B 224 4.26 14.89 12.85
CA GLY B 224 5.08 15.10 11.67
C GLY B 224 4.64 16.31 10.87
N GLU B 225 5.59 16.91 10.13
CA GLU B 225 5.29 18.08 9.32
C GLU B 225 4.33 17.72 8.18
N GLU B 226 4.47 16.54 7.62
CA GLU B 226 3.60 16.12 6.54
C GLU B 226 2.16 15.93 7.02
N ALA B 227 2.00 15.61 8.31
CA ALA B 227 0.68 15.42 8.89
C ALA B 227 -0.04 16.77 8.96
N ALA B 228 0.69 17.81 9.34
CA ALA B 228 0.13 19.15 9.43
C ALA B 228 -0.28 19.66 8.05
N LEU B 229 0.57 19.38 7.05
CA LEU B 229 0.30 19.79 5.68
C LEU B 229 -0.93 19.01 5.20
N ALA B 230 -0.96 17.73 5.54
CA ALA B 230 -2.06 16.87 5.16
C ALA B 230 -3.37 17.44 5.70
N LYS B 231 -3.34 17.92 6.94
CA LYS B 231 -4.52 18.49 7.55
C LYS B 231 -5.02 19.72 6.80
N GLU B 232 -4.10 20.62 6.45
CA GLU B 232 -4.49 21.82 5.72
C GLU B 232 -5.15 21.49 4.40
N ILE B 233 -4.69 20.43 3.74
CA ILE B 233 -5.25 20.02 2.47
C ILE B 233 -6.61 19.31 2.60
N LEU B 234 -6.66 18.30 3.46
CA LEU B 234 -7.88 17.51 3.66
C LEU B 234 -9.02 18.22 4.36
N GLU B 235 -8.69 19.21 5.19
CA GLU B 235 -9.69 19.94 5.95
C GLU B 235 -10.92 20.33 5.13
N SER B 236 -10.70 20.95 3.98
CA SER B 236 -11.78 21.39 3.11
C SER B 236 -12.27 20.34 2.13
N ARG B 237 -11.54 19.24 2.03
CA ARG B 237 -11.90 18.19 1.07
C ARG B 237 -12.62 16.94 1.57
N VAL B 238 -12.60 16.67 2.87
CA VAL B 238 -13.26 15.47 3.37
C VAL B 238 -14.42 15.77 4.32
N ASP B 239 -15.32 14.81 4.45
CA ASP B 239 -16.49 14.92 5.31
C ASP B 239 -16.13 15.09 6.79
N ALA B 240 -15.14 14.31 7.25
CA ALA B 240 -14.70 14.37 8.64
C ALA B 240 -13.20 14.11 8.71
N LEU B 241 -12.55 14.68 9.71
CA LEU B 241 -11.11 14.51 9.88
C LEU B 241 -10.73 14.30 11.34
N ALA B 242 -9.89 13.28 11.58
CA ALA B 242 -9.44 12.99 12.94
C ALA B 242 -7.92 12.93 13.02
N GLU B 243 -7.37 13.55 14.06
CA GLU B 243 -5.93 13.52 14.27
C GLU B 243 -5.70 12.60 15.46
N VAL B 244 -5.06 11.46 15.22
CA VAL B 244 -4.81 10.50 16.29
C VAL B 244 -3.41 10.70 16.86
N PRO B 245 -3.31 11.08 18.14
CA PRO B 245 -1.98 11.29 18.74
C PRO B 245 -1.31 9.94 19.02
N ALA B 246 0.02 9.92 18.96
CA ALA B 246 0.75 8.69 19.21
C ALA B 246 1.49 8.70 20.54
N THR B 247 1.07 7.80 21.43
CA THR B 247 1.69 7.66 22.74
C THR B 247 3.03 6.96 22.54
N GLY B 248 4.01 7.28 23.39
CA GLY B 248 5.31 6.64 23.26
C GLY B 248 6.48 7.62 23.28
N ALA B 249 7.64 7.11 23.69
CA ALA B 249 8.86 7.91 23.80
C ALA B 249 9.80 7.80 22.60
N ASN B 250 9.45 6.98 21.62
CA ASN B 250 10.27 6.84 20.43
C ASN B 250 9.37 6.39 19.27
N ARG B 251 9.86 6.55 18.05
CA ARG B 251 9.06 6.23 16.88
C ARG B 251 8.45 4.83 16.82
N LEU B 252 9.23 3.81 17.17
CA LEU B 252 8.71 2.44 17.14
C LEU B 252 7.56 2.27 18.14
N ALA B 253 7.71 2.82 19.34
CA ALA B 253 6.67 2.73 20.36
C ALA B 253 5.42 3.48 19.89
N GLN B 254 5.62 4.66 19.32
CA GLN B 254 4.51 5.46 18.82
C GLN B 254 3.72 4.71 17.74
N VAL B 255 4.43 4.05 16.84
CA VAL B 255 3.76 3.29 15.78
C VAL B 255 2.87 2.21 16.38
N MSE B 256 3.43 1.43 17.30
CA MSE B 256 2.69 0.34 17.93
C MSE B 256 1.52 0.87 18.77
O MSE B 256 0.46 0.24 18.83
CB MSE B 256 3.65 -0.50 18.77
CG MSE B 256 3.60 -2.00 18.49
SE MSE B 256 3.56 -2.50 16.60
CE MSE B 256 5.28 -1.80 16.08
N ALA B 257 1.71 2.01 19.42
CA ALA B 257 0.63 2.61 20.22
C ALA B 257 -0.50 3.02 19.30
N LEU B 258 -0.17 3.57 18.14
CA LEU B 258 -1.20 3.98 17.18
C LEU B 258 -1.92 2.71 16.70
N TRP B 259 -1.14 1.71 16.33
CA TRP B 259 -1.69 0.43 15.88
C TRP B 259 -2.65 -0.16 16.93
N TYR B 260 -2.23 -0.15 18.19
CA TYR B 260 -3.04 -0.68 19.29
C TYR B 260 -4.36 0.10 19.47
N ARG B 261 -4.28 1.42 19.45
CA ARG B 261 -5.50 2.22 19.60
C ARG B 261 -6.45 1.97 18.43
N MSE B 262 -5.90 1.70 17.25
CA MSE B 262 -6.74 1.43 16.08
C MSE B 262 -7.37 0.03 16.18
O MSE B 262 -8.47 -0.19 15.68
CB MSE B 262 -5.94 1.56 14.79
CG MSE B 262 -5.53 3.00 14.49
SE MSE B 262 -7.05 4.22 14.29
CE MSE B 262 -6.54 5.00 12.62
N ALA B 263 -6.68 -0.90 16.82
CA ALA B 263 -7.24 -2.25 16.97
C ALA B 263 -8.49 -2.11 17.84
N TRP B 264 -8.36 -1.34 18.92
CA TRP B 264 -9.48 -1.09 19.82
C TRP B 264 -10.60 -0.34 19.08
N THR B 265 -10.22 0.61 18.24
CA THR B 265 -11.20 1.39 17.49
C THR B 265 -11.97 0.47 16.56
N ALA B 266 -11.24 -0.38 15.84
CA ALA B 266 -11.84 -1.34 14.91
C ALA B 266 -12.79 -2.26 15.68
N TYR B 267 -12.41 -2.62 16.91
CA TYR B 267 -13.21 -3.49 17.77
C TYR B 267 -14.57 -2.85 18.02
N TYR B 268 -14.54 -1.60 18.47
CA TYR B 268 -15.77 -0.85 18.76
C TYR B 268 -16.60 -0.60 17.49
N LEU B 269 -15.95 -0.38 16.36
CA LEU B 269 -16.70 -0.13 15.13
C LEU B 269 -17.50 -1.37 14.77
N ALA B 270 -16.90 -2.55 14.92
CA ALA B 270 -17.61 -3.80 14.63
C ALA B 270 -18.86 -3.88 15.50
N LEU B 271 -18.71 -3.52 16.78
CA LEU B 271 -19.83 -3.56 17.71
C LEU B 271 -20.92 -2.58 17.25
N LEU B 272 -20.52 -1.44 16.72
CA LEU B 272 -21.49 -0.45 16.22
C LEU B 272 -22.27 -1.01 15.03
N TYR B 273 -21.65 -1.87 14.24
CA TYR B 273 -22.33 -2.49 13.10
C TYR B 273 -23.03 -3.77 13.54
N GLY B 274 -22.88 -4.11 14.81
CA GLY B 274 -23.51 -5.31 15.34
C GLY B 274 -22.94 -6.61 14.82
N VAL B 275 -21.66 -6.62 14.43
CA VAL B 275 -21.06 -7.84 13.95
C VAL B 275 -19.96 -8.29 14.91
N ASP B 276 -19.67 -9.58 14.86
CA ASP B 276 -18.65 -10.15 15.72
C ASP B 276 -17.27 -9.67 15.25
N PRO B 277 -16.51 -9.01 16.14
CA PRO B 277 -15.18 -8.50 15.82
C PRO B 277 -14.15 -9.63 15.71
N GLY B 278 -14.50 -10.81 16.24
CA GLY B 278 -13.60 -11.94 16.19
C GLY B 278 -13.57 -12.58 14.81
N ASP B 279 -12.62 -13.51 14.60
CA ASP B 279 -12.49 -14.18 13.32
C ASP B 279 -13.56 -15.26 13.15
N HIS B 280 -13.85 -15.96 14.25
CA HIS B 280 -14.81 -17.05 14.30
C HIS B 280 -14.92 -17.91 13.04
N GLY B 281 -13.79 -18.50 12.64
CA GLY B 281 -13.75 -19.39 11.50
C GLY B 281 -13.88 -18.84 10.08
N LEU B 282 -13.94 -17.53 9.93
CA LEU B 282 -14.09 -16.94 8.59
C LEU B 282 -12.84 -17.02 7.72
N LEU B 283 -11.67 -17.08 8.34
CA LEU B 283 -10.42 -17.12 7.60
C LEU B 283 -9.80 -18.52 7.50
N GLU B 284 -10.35 -19.49 8.21
CA GLU B 284 -9.85 -20.85 8.19
C GLU B 284 -9.64 -21.37 6.77
N ARG B 285 -10.71 -21.38 5.97
CA ARG B 285 -10.64 -21.84 4.60
C ARG B 285 -9.55 -21.12 3.81
N LEU B 286 -9.53 -19.79 3.88
CA LEU B 286 -8.54 -18.99 3.16
C LEU B 286 -7.10 -19.39 3.45
N ARG B 287 -6.76 -19.57 4.72
CA ARG B 287 -5.39 -19.95 5.09
C ARG B 287 -5.02 -21.30 4.47
N GLU B 288 -6.00 -22.19 4.32
CA GLU B 288 -5.73 -23.51 3.76
C GLU B 288 -5.29 -23.48 2.30
N VAL B 289 -5.93 -22.64 1.50
CA VAL B 289 -5.59 -22.57 0.08
C VAL B 289 -4.50 -21.55 -0.26
N THR B 290 -3.83 -21.02 0.74
CA THR B 290 -2.77 -20.05 0.46
C THR B 290 -1.51 -20.31 1.29
#